data_7E7F
#
_entry.id   7E7F
#
_cell.length_a   75.180
_cell.length_b   84.600
_cell.length_c   85.610
_cell.angle_alpha   90.000
_cell.angle_beta   90.000
_cell.angle_gamma   90.000
#
_symmetry.space_group_name_H-M   'P 21 21 21'
#
loop_
_entity.id
_entity.type
_entity.pdbx_description
1 polymer 'Cytochrome P450 11B1, mitochondrial'
2 non-polymer 'PROTOPORPHYRIN IX CONTAINING FE'
3 non-polymer METYRAPONE
4 non-polymer 'CHOLIC ACID'
5 non-polymer GLYCEROL
6 water water
#
_entity_poly.entity_id   1
_entity_poly.type   'polypeptide(L)'
_entity_poly.pdbx_seq_one_letter_code
;MATKAARVPRTVLPFEAMPRRPGNRRNRLNQIRREQGYEDLHLEVHQTFQELGPIFRYDLGGAGMVCVMLPEDVEKLQQV
DSLHPHRMSLEPWVAYRQHRGHKCGVFLLNGPEWRFNRLRLNPEVLSPNAVQRFLPMVDAVARDFSQALKKKVLQNARGS
LTLDVQPSIFHYTIEASNLALFGERLGLVGHSPSSASLNFLHALEVMFKSTVQLMFMPRSNSRNTSPKVWKEHFEAWDCI
FQYGDNCIQKIYQELAFSRPQQYTSIVAELLLNAELSPDAIKANSMELTAGSVDTTVFPLLMTLFELARNPNVQQALRQE
SLAAAASISEHPQKATTELPLLRAALKETLRLYPVGLFLERVASSDLVLQNYHIPAGTLVRVFLYSLGRNPALFPRPERY
NPQRWLDIRGSGRNFYHVPFGFGMRQCLGRRLAEAEMLLLLHHVLKHLQVETLTQEDIKMVYSFILRPSMFPLLTFRAIN
HHHHHH
;
_entity_poly.pdbx_strand_id   A
#
# COMPACT_ATOMS: atom_id res chain seq x y z
N VAL A 8 6.67 -16.73 -30.04
CA VAL A 8 5.26 -17.07 -29.62
C VAL A 8 4.62 -17.98 -30.66
N PRO A 9 3.60 -18.78 -30.30
CA PRO A 9 2.97 -19.65 -31.29
C PRO A 9 2.36 -18.87 -32.48
N ARG A 10 2.38 -19.48 -33.67
CA ARG A 10 1.85 -18.92 -34.95
C ARG A 10 0.33 -18.70 -34.90
N THR A 11 -0.37 -19.34 -33.95
CA THR A 11 -1.85 -19.32 -33.84
C THR A 11 -2.31 -18.10 -33.03
N VAL A 12 -1.43 -17.41 -32.32
CA VAL A 12 -1.86 -16.25 -31.49
C VAL A 12 -2.17 -15.08 -32.42
N LEU A 13 -3.07 -14.21 -31.98
CA LEU A 13 -3.48 -13.04 -32.75
C LEU A 13 -2.35 -12.03 -32.73
N PRO A 14 -2.16 -11.31 -33.85
CA PRO A 14 -1.13 -10.28 -33.90
C PRO A 14 -1.45 -9.14 -32.94
N PHE A 15 -0.41 -8.44 -32.50
CA PHE A 15 -0.55 -7.29 -31.59
C PHE A 15 -1.55 -6.27 -32.20
N GLU A 16 -1.48 -6.08 -33.52
CA GLU A 16 -2.33 -5.11 -34.27
C GLU A 16 -3.82 -5.47 -34.13
N ALA A 17 -4.15 -6.72 -33.78
CA ALA A 17 -5.55 -7.18 -33.66
C ALA A 17 -6.13 -6.79 -32.30
N MET A 18 -5.28 -6.41 -31.35
CA MET A 18 -5.79 -6.09 -30.00
C MET A 18 -6.77 -4.91 -30.10
N PRO A 19 -7.92 -5.00 -29.39
CA PRO A 19 -8.82 -3.85 -29.30
C PRO A 19 -8.08 -2.59 -28.84
N ARG A 20 -8.39 -1.46 -29.47
CA ARG A 20 -7.72 -0.18 -29.23
C ARG A 20 -8.75 0.79 -28.63
N ARG A 21 -8.35 1.45 -27.56
CA ARG A 21 -9.12 2.58 -27.01
C ARG A 21 -8.99 3.72 -28.00
N PRO A 22 -10.11 4.16 -28.59
CA PRO A 22 -10.07 5.30 -29.52
C PRO A 22 -9.41 6.51 -28.85
N GLY A 23 -8.45 7.13 -29.55
CA GLY A 23 -7.78 8.36 -29.10
C GLY A 23 -8.36 9.61 -29.75
N ASN A 24 -9.28 9.43 -30.71
CA ASN A 24 -9.77 10.52 -31.61
C ASN A 24 -11.30 10.60 -31.58
N ARG A 25 -11.96 10.19 -30.50
CA ARG A 25 -13.43 10.32 -30.37
C ARG A 25 -13.78 11.78 -30.03
N ARG A 26 -14.98 12.21 -30.40
CA ARG A 26 -15.57 13.52 -30.03
C ARG A 26 -16.45 13.31 -28.79
N ASN A 27 -16.00 13.82 -27.63
CA ASN A 27 -16.68 13.75 -26.31
C ASN A 27 -16.07 14.85 -25.43
N ARG A 28 -16.43 14.90 -24.15
CA ARG A 28 -16.01 16.03 -23.28
CA ARG A 28 -16.08 15.98 -23.19
C ARG A 28 -14.77 15.67 -22.47
N LEU A 29 -14.04 14.62 -22.89
CA LEU A 29 -12.81 14.15 -22.17
C LEU A 29 -11.78 15.28 -22.11
N ASN A 30 -11.58 15.99 -23.23
CA ASN A 30 -10.74 17.22 -23.34
C ASN A 30 -11.02 18.13 -22.14
N GLN A 31 -12.30 18.45 -21.93
CA GLN A 31 -12.77 19.41 -20.88
C GLN A 31 -12.66 18.75 -19.50
N ILE A 32 -12.99 17.46 -19.39
CA ILE A 32 -12.82 16.67 -18.12
C ILE A 32 -11.35 16.75 -17.69
N ARG A 33 -10.40 16.57 -18.62
CA ARG A 33 -8.95 16.70 -18.32
C ARG A 33 -8.64 18.11 -17.83
N ARG A 34 -9.13 19.16 -18.52
CA ARG A 34 -8.91 20.55 -18.07
C ARG A 34 -9.40 20.71 -16.61
N GLU A 35 -10.53 20.09 -16.24
CA GLU A 35 -11.23 20.35 -14.94
C GLU A 35 -10.73 19.44 -13.83
N GLN A 36 -10.51 18.15 -14.10
CA GLN A 36 -10.21 17.16 -13.03
C GLN A 36 -9.04 16.24 -13.42
N GLY A 37 -8.36 16.49 -14.55
CA GLY A 37 -7.17 15.71 -14.92
C GLY A 37 -7.47 14.22 -14.99
N TYR A 38 -6.77 13.40 -14.21
CA TYR A 38 -6.91 11.93 -14.32
C TYR A 38 -7.61 11.37 -13.08
N GLU A 39 -8.36 12.17 -12.33
CA GLU A 39 -8.96 11.77 -11.02
C GLU A 39 -9.95 10.59 -11.19
N ASP A 40 -10.54 10.40 -12.37
CA ASP A 40 -11.49 9.30 -12.63
C ASP A 40 -10.87 8.24 -13.55
N LEU A 41 -9.55 8.14 -13.64
CA LEU A 41 -8.92 7.20 -14.58
C LEU A 41 -9.34 5.76 -14.28
N HIS A 42 -9.50 5.40 -13.01
CA HIS A 42 -9.92 4.03 -12.65
C HIS A 42 -11.28 3.72 -13.31
N LEU A 43 -12.19 4.69 -13.29
CA LEU A 43 -13.57 4.52 -13.82
C LEU A 43 -13.56 4.56 -15.35
N GLU A 44 -12.71 5.42 -15.93
CA GLU A 44 -12.59 5.54 -17.40
C GLU A 44 -12.04 4.23 -17.97
N VAL A 45 -10.97 3.72 -17.40
CA VAL A 45 -10.40 2.42 -17.86
C VAL A 45 -11.42 1.29 -17.61
N HIS A 46 -12.11 1.28 -16.48
CA HIS A 46 -13.16 0.27 -16.18
C HIS A 46 -14.21 0.27 -17.30
N GLN A 47 -14.66 1.46 -17.70
CA GLN A 47 -15.68 1.59 -18.76
C GLN A 47 -15.11 1.04 -20.07
N THR A 48 -13.84 1.30 -20.36
CA THR A 48 -13.21 0.80 -21.60
C THR A 48 -13.18 -0.74 -21.58
N PHE A 49 -12.83 -1.37 -20.48
CA PHE A 49 -12.87 -2.85 -20.37
C PHE A 49 -14.30 -3.34 -20.58
N GLN A 50 -15.31 -2.65 -20.07
CA GLN A 50 -16.72 -3.09 -20.27
C GLN A 50 -17.00 -3.13 -21.78
N GLU A 51 -16.53 -2.13 -22.52
CA GLU A 51 -16.80 -1.98 -23.98
C GLU A 51 -15.96 -2.94 -24.82
N LEU A 52 -14.67 -3.11 -24.48
CA LEU A 52 -13.71 -3.76 -25.40
C LEU A 52 -13.33 -5.16 -24.94
N GLY A 53 -13.68 -5.54 -23.71
CA GLY A 53 -13.24 -6.80 -23.12
C GLY A 53 -12.00 -6.56 -22.24
N PRO A 54 -11.49 -7.63 -21.63
CA PRO A 54 -10.50 -7.51 -20.55
C PRO A 54 -9.05 -7.29 -20.98
N ILE A 55 -8.81 -7.03 -22.26
CA ILE A 55 -7.49 -6.54 -22.73
C ILE A 55 -7.69 -5.46 -23.79
N PHE A 56 -7.00 -4.34 -23.68
CA PHE A 56 -7.03 -3.36 -24.78
C PHE A 56 -5.73 -2.56 -24.77
N ARG A 57 -5.43 -1.94 -25.89
CA ARG A 57 -4.29 -1.03 -26.09
C ARG A 57 -4.80 0.40 -25.87
N TYR A 58 -4.21 1.11 -24.93
CA TYR A 58 -4.52 2.52 -24.61
C TYR A 58 -3.54 3.36 -25.43
N ASP A 59 -4.04 3.93 -26.53
CA ASP A 59 -3.20 4.73 -27.47
C ASP A 59 -3.13 6.19 -27.00
N LEU A 60 -1.93 6.74 -26.91
CA LEU A 60 -1.68 8.13 -26.47
C LEU A 60 -0.26 8.50 -26.92
N GLY A 61 -0.10 9.66 -27.53
CA GLY A 61 1.22 10.25 -27.83
C GLY A 61 2.09 9.33 -28.68
N GLY A 62 1.47 8.53 -29.56
CA GLY A 62 2.17 7.60 -30.47
C GLY A 62 2.53 6.30 -29.81
N ALA A 63 2.16 6.14 -28.54
CA ALA A 63 2.47 4.94 -27.74
C ALA A 63 1.20 4.17 -27.47
N GLY A 64 1.37 2.98 -26.92
CA GLY A 64 0.23 2.09 -26.64
C GLY A 64 0.46 1.19 -25.46
N MET A 65 -0.11 1.58 -24.30
CA MET A 65 -0.02 0.76 -23.05
CA MET A 65 -0.07 0.78 -23.06
C MET A 65 -1.05 -0.38 -23.16
N VAL A 66 -0.59 -1.60 -22.86
CA VAL A 66 -1.52 -2.76 -22.80
C VAL A 66 -2.15 -2.77 -21.41
N CYS A 67 -3.47 -2.74 -21.39
CA CYS A 67 -4.30 -2.73 -20.15
C CYS A 67 -4.96 -4.09 -19.98
N VAL A 68 -4.72 -4.74 -18.85
CA VAL A 68 -5.26 -6.08 -18.53
C VAL A 68 -5.91 -6.06 -17.15
N MET A 69 -6.73 -7.07 -16.87
CA MET A 69 -7.47 -7.08 -15.60
C MET A 69 -7.79 -8.50 -15.14
N LEU A 70 -7.13 -9.53 -15.66
CA LEU A 70 -7.44 -10.93 -15.29
C LEU A 70 -6.28 -11.53 -14.49
N PRO A 71 -6.61 -12.36 -13.48
CA PRO A 71 -5.58 -13.14 -12.79
C PRO A 71 -4.67 -13.93 -13.74
N GLU A 72 -5.21 -14.47 -14.83
CA GLU A 72 -4.42 -15.25 -15.82
CA GLU A 72 -4.36 -15.28 -15.75
C GLU A 72 -3.28 -14.38 -16.38
N ASP A 73 -3.56 -13.08 -16.57
CA ASP A 73 -2.53 -12.15 -17.14
C ASP A 73 -1.44 -11.92 -16.10
N VAL A 74 -1.83 -11.78 -14.84
CA VAL A 74 -0.81 -11.55 -13.77
C VAL A 74 0.11 -12.77 -13.74
N GLU A 75 -0.46 -13.98 -13.84
CA GLU A 75 0.33 -15.23 -13.81
C GLU A 75 1.31 -15.21 -14.98
N LYS A 76 0.85 -14.85 -16.18
CA LYS A 76 1.74 -14.81 -17.37
C LYS A 76 2.84 -13.78 -17.15
N LEU A 77 2.54 -12.63 -16.55
CA LEU A 77 3.59 -11.61 -16.28
C LEU A 77 4.60 -12.17 -15.30
N GLN A 78 4.16 -12.85 -14.26
CA GLN A 78 5.13 -13.39 -13.29
C GLN A 78 6.09 -14.32 -14.06
N GLN A 79 5.60 -15.07 -15.06
CA GLN A 79 6.43 -16.01 -15.86
C GLN A 79 7.59 -15.30 -16.59
N VAL A 80 7.45 -14.04 -17.02
CA VAL A 80 8.51 -13.32 -17.82
C VAL A 80 9.22 -12.27 -16.96
N ASP A 81 8.98 -12.30 -15.66
CA ASP A 81 9.82 -11.52 -14.74
C ASP A 81 11.27 -12.02 -14.84
N SER A 82 12.17 -11.09 -15.03
CA SER A 82 13.62 -11.35 -14.94
C SER A 82 14.04 -11.62 -13.48
N LEU A 83 15.33 -11.84 -13.30
CA LEU A 83 15.97 -11.89 -11.96
C LEU A 83 15.89 -10.52 -11.25
N HIS A 84 15.57 -9.45 -11.97
CA HIS A 84 15.49 -8.07 -11.42
C HIS A 84 14.51 -7.29 -12.25
N PRO A 85 13.20 -7.50 -12.01
CA PRO A 85 12.20 -6.85 -12.84
C PRO A 85 12.40 -5.33 -12.88
N HIS A 86 12.23 -4.75 -14.07
CA HIS A 86 12.43 -3.31 -14.29
C HIS A 86 11.31 -2.52 -13.61
N ARG A 87 11.73 -1.48 -12.91
CA ARG A 87 10.84 -0.47 -12.30
CA ARG A 87 10.84 -0.48 -12.29
C ARG A 87 11.13 0.90 -12.88
N MET A 88 10.09 1.61 -13.27
CA MET A 88 10.18 3.03 -13.65
C MET A 88 10.32 3.82 -12.34
N SER A 89 11.56 4.08 -11.93
CA SER A 89 11.91 4.62 -10.60
C SER A 89 11.27 5.99 -10.40
N LEU A 90 10.80 6.28 -9.18
CA LEU A 90 10.19 7.58 -8.81
C LEU A 90 11.25 8.68 -8.89
N GLU A 91 11.16 9.50 -9.92
CA GLU A 91 12.22 10.47 -10.25
C GLU A 91 12.51 11.45 -9.11
N PRO A 92 11.51 12.08 -8.45
CA PRO A 92 11.86 13.08 -7.43
C PRO A 92 12.70 12.43 -6.32
N TRP A 93 12.41 11.17 -6.00
CA TRP A 93 13.13 10.45 -4.92
C TRP A 93 14.57 10.17 -5.35
N VAL A 94 14.76 9.75 -6.59
CA VAL A 94 16.12 9.50 -7.14
C VAL A 94 16.89 10.82 -7.10
N ALA A 95 16.28 11.91 -7.56
CA ALA A 95 16.97 13.22 -7.67
C ALA A 95 17.48 13.64 -6.28
N TYR A 96 16.70 13.41 -5.22
CA TYR A 96 17.12 13.77 -3.86
C TYR A 96 18.41 13.00 -3.52
N ARG A 97 18.43 11.69 -3.78
CA ARG A 97 19.60 10.86 -3.44
C ARG A 97 20.83 11.33 -4.23
N GLN A 98 20.65 11.63 -5.51
CA GLN A 98 21.75 12.14 -6.38
C GLN A 98 22.30 13.44 -5.78
N HIS A 99 21.43 14.36 -5.37
CA HIS A 99 21.81 15.71 -4.90
C HIS A 99 22.59 15.62 -3.59
N ARG A 100 22.18 14.74 -2.65
CA ARG A 100 22.81 14.65 -1.31
C ARG A 100 23.86 13.54 -1.22
N GLY A 101 24.04 12.71 -2.24
CA GLY A 101 25.02 11.62 -2.23
C GLY A 101 24.59 10.47 -1.34
N HIS A 102 23.28 10.26 -1.22
CA HIS A 102 22.71 9.07 -0.53
C HIS A 102 22.55 7.93 -1.55
N LYS A 103 22.49 6.71 -1.05
CA LYS A 103 22.20 5.53 -1.89
C LYS A 103 20.72 5.51 -2.24
N CYS A 104 20.41 4.83 -3.34
CA CYS A 104 19.05 4.36 -3.66
C CYS A 104 18.85 2.98 -3.03
N GLY A 105 17.64 2.72 -2.54
CA GLY A 105 17.27 1.39 -2.05
C GLY A 105 16.33 0.68 -3.00
N VAL A 106 15.71 -0.39 -2.54
CA VAL A 106 14.93 -1.28 -3.44
C VAL A 106 13.77 -0.57 -4.14
N PHE A 107 13.23 0.50 -3.57
CA PHE A 107 12.10 1.18 -4.25
C PHE A 107 12.58 1.73 -5.59
N LEU A 108 13.86 2.15 -5.66
CA LEU A 108 14.40 2.95 -6.79
C LEU A 108 15.39 2.17 -7.65
N LEU A 109 16.07 1.19 -7.08
CA LEU A 109 17.16 0.47 -7.80
C LEU A 109 16.61 -0.37 -8.95
N ASN A 110 17.49 -0.67 -9.89
CA ASN A 110 17.25 -1.66 -10.95
C ASN A 110 18.47 -2.56 -11.12
N GLY A 111 18.30 -3.65 -11.85
CA GLY A 111 19.42 -4.51 -12.24
C GLY A 111 19.96 -5.31 -11.06
N PRO A 112 21.19 -5.82 -11.23
CA PRO A 112 21.82 -6.63 -10.19
C PRO A 112 21.88 -5.94 -8.81
N GLU A 113 22.05 -4.62 -8.78
CA GLU A 113 22.11 -3.92 -7.47
C GLU A 113 20.75 -4.04 -6.78
N TRP A 114 19.64 -3.93 -7.52
CA TRP A 114 18.31 -4.14 -6.90
C TRP A 114 18.25 -5.54 -6.26
N ARG A 115 18.66 -6.56 -6.99
CA ARG A 115 18.53 -7.95 -6.53
C ARG A 115 19.41 -8.15 -5.29
N PHE A 116 20.64 -7.63 -5.33
CA PHE A 116 21.58 -7.74 -4.20
C PHE A 116 20.90 -7.19 -2.93
N ASN A 117 20.30 -6.02 -3.05
CA ASN A 117 19.61 -5.37 -1.92
C ASN A 117 18.40 -6.22 -1.50
N ARG A 118 17.56 -6.57 -2.45
CA ARG A 118 16.28 -7.25 -2.12
C ARG A 118 16.55 -8.56 -1.37
N LEU A 119 17.49 -9.37 -1.83
CA LEU A 119 17.73 -10.69 -1.21
C LEU A 119 18.22 -10.51 0.24
N ARG A 120 18.85 -9.40 0.56
CA ARG A 120 19.39 -9.13 1.92
C ARG A 120 18.35 -8.42 2.80
N LEU A 121 17.20 -8.04 2.24
CA LEU A 121 16.10 -7.42 3.02
C LEU A 121 15.00 -8.43 3.29
N ASN A 122 14.64 -9.25 2.31
CA ASN A 122 13.48 -10.14 2.40
C ASN A 122 13.46 -10.88 3.74
N PRO A 123 14.55 -11.51 4.21
CA PRO A 123 14.48 -12.32 5.44
C PRO A 123 14.12 -11.49 6.70
N GLU A 124 14.46 -10.20 6.69
CA GLU A 124 14.26 -9.34 7.88
C GLU A 124 12.92 -8.58 7.83
N VAL A 125 12.21 -8.58 6.69
CA VAL A 125 11.00 -7.71 6.50
C VAL A 125 9.80 -8.54 6.05
N LEU A 126 9.99 -9.51 5.14
CA LEU A 126 8.85 -10.16 4.43
C LEU A 126 8.62 -11.59 4.92
N SER A 127 9.65 -12.24 5.47
CA SER A 127 9.63 -13.68 5.81
C SER A 127 8.70 -13.98 6.97
N PRO A 128 8.17 -15.21 7.06
CA PRO A 128 7.37 -15.62 8.21
C PRO A 128 8.10 -15.36 9.52
N ASN A 129 9.41 -15.59 9.54
CA ASN A 129 10.24 -15.36 10.75
C ASN A 129 10.22 -13.87 11.10
N ALA A 130 10.38 -12.98 10.13
CA ALA A 130 10.35 -11.53 10.37
C ALA A 130 9.00 -11.14 10.99
N VAL A 131 7.92 -11.67 10.46
CA VAL A 131 6.55 -11.36 10.96
C VAL A 131 6.45 -11.82 12.42
N GLN A 132 6.92 -13.03 12.72
CA GLN A 132 6.81 -13.57 14.10
C GLN A 132 7.53 -12.61 15.05
N ARG A 133 8.63 -12.00 14.62
CA ARG A 133 9.46 -11.09 15.44
C ARG A 133 8.74 -9.75 15.68
N PHE A 134 8.15 -9.14 14.65
CA PHE A 134 7.61 -7.75 14.79
C PHE A 134 6.14 -7.76 15.25
N LEU A 135 5.42 -8.89 15.18
CA LEU A 135 3.97 -8.88 15.52
C LEU A 135 3.76 -8.35 16.94
N PRO A 136 4.54 -8.76 17.97
CA PRO A 136 4.31 -8.21 19.31
C PRO A 136 4.43 -6.68 19.39
N MET A 137 5.33 -6.10 18.58
CA MET A 137 5.53 -4.63 18.57
C MET A 137 4.32 -3.97 17.92
N VAL A 138 3.89 -4.48 16.78
CA VAL A 138 2.66 -3.93 16.14
C VAL A 138 1.48 -4.10 17.12
N ASP A 139 1.38 -5.26 17.77
CA ASP A 139 0.28 -5.54 18.73
C ASP A 139 0.29 -4.48 19.83
N ALA A 140 1.45 -4.11 20.38
CA ALA A 140 1.57 -3.10 21.45
C ALA A 140 1.00 -1.76 20.97
N VAL A 141 1.33 -1.35 19.76
CA VAL A 141 0.84 -0.05 19.24
C VAL A 141 -0.67 -0.12 18.99
N ALA A 142 -1.14 -1.25 18.46
CA ALA A 142 -2.59 -1.45 18.19
C ALA A 142 -3.37 -1.37 19.51
N ARG A 143 -2.86 -2.00 20.54
CA ARG A 143 -3.46 -1.91 21.90
C ARG A 143 -3.54 -0.44 22.34
N ASP A 144 -2.44 0.30 22.19
CA ASP A 144 -2.42 1.71 22.68
C ASP A 144 -3.46 2.54 21.94
N PHE A 145 -3.59 2.37 20.62
CA PHE A 145 -4.56 3.12 19.78
CA PHE A 145 -4.54 3.20 19.84
C PHE A 145 -5.98 2.75 20.21
N SER A 146 -6.22 1.44 20.31
CA SER A 146 -7.56 0.91 20.67
CA SER A 146 -7.54 0.87 20.69
C SER A 146 -7.98 1.41 22.06
N GLN A 147 -7.07 1.39 23.04
CA GLN A 147 -7.35 1.83 24.42
C GLN A 147 -7.64 3.35 24.41
N ALA A 148 -6.91 4.13 23.62
CA ALA A 148 -7.10 5.60 23.56
C ALA A 148 -8.49 5.91 22.98
N LEU A 149 -8.95 5.14 22.00
CA LEU A 149 -10.27 5.39 21.39
C LEU A 149 -11.36 4.99 22.37
N LYS A 150 -11.20 3.82 23.01
CA LYS A 150 -12.19 3.32 24.00
C LYS A 150 -12.34 4.37 25.10
N LYS A 151 -11.23 4.95 25.56
CA LYS A 151 -11.22 5.97 26.65
C LYS A 151 -12.00 7.23 26.21
N LYS A 152 -11.78 7.72 24.99
CA LYS A 152 -12.51 8.88 24.42
C LYS A 152 -14.01 8.57 24.34
N VAL A 153 -14.40 7.36 23.95
CA VAL A 153 -15.82 6.91 23.85
C VAL A 153 -16.44 6.93 25.24
N LEU A 154 -15.78 6.30 26.23
CA LEU A 154 -16.38 6.06 27.56
C LEU A 154 -16.48 7.37 28.36
N GLN A 155 -15.73 8.40 27.99
CA GLN A 155 -15.71 9.69 28.73
C GLN A 155 -16.59 10.73 28.01
N ASN A 156 -17.12 10.42 26.82
CA ASN A 156 -18.03 11.32 26.06
C ASN A 156 -19.39 11.34 26.75
N ALA A 157 -19.93 12.55 26.96
CA ALA A 157 -21.23 12.83 27.63
C ALA A 157 -22.37 12.08 26.92
N ARG A 158 -22.25 11.80 25.63
CA ARG A 158 -23.37 11.30 24.79
C ARG A 158 -23.36 9.77 24.67
N GLY A 159 -22.45 9.06 25.35
CA GLY A 159 -22.38 7.58 25.29
C GLY A 159 -21.90 7.07 23.93
N SER A 160 -21.39 7.95 23.06
CA SER A 160 -20.90 7.64 21.71
C SER A 160 -19.88 8.71 21.32
N LEU A 161 -19.06 8.43 20.31
CA LEU A 161 -18.05 9.39 19.81
C LEU A 161 -18.12 9.40 18.28
N THR A 162 -18.46 10.54 17.70
CA THR A 162 -18.39 10.78 16.25
C THR A 162 -17.12 11.58 15.99
N LEU A 163 -16.22 11.04 15.19
CA LEU A 163 -14.94 11.73 14.93
C LEU A 163 -14.45 11.40 13.52
N ASP A 164 -13.56 12.26 13.04
CA ASP A 164 -12.72 12.00 11.87
C ASP A 164 -11.58 11.09 12.34
N VAL A 165 -11.57 9.83 11.94
CA VAL A 165 -10.55 8.83 12.37
C VAL A 165 -9.34 8.88 11.44
N GLN A 166 -9.38 9.65 10.35
CA GLN A 166 -8.32 9.56 9.31
C GLN A 166 -6.97 9.92 9.95
N PRO A 167 -6.82 11.07 10.65
CA PRO A 167 -5.49 11.40 11.19
C PRO A 167 -4.97 10.35 12.18
N SER A 168 -5.81 9.88 13.10
CA SER A 168 -5.38 8.95 14.17
C SER A 168 -5.00 7.59 13.55
N ILE A 169 -5.70 7.14 12.50
CA ILE A 169 -5.36 5.85 11.86
C ILE A 169 -4.03 6.02 11.10
N PHE A 170 -3.86 7.14 10.40
CA PHE A 170 -2.58 7.41 9.74
C PHE A 170 -1.46 7.39 10.79
N HIS A 171 -1.63 8.12 11.89
CA HIS A 171 -0.60 8.19 12.95
C HIS A 171 -0.30 6.79 13.47
N TYR A 172 -1.32 5.96 13.65
CA TYR A 172 -1.12 4.55 14.08
C TYR A 172 -0.18 3.83 13.10
N THR A 173 -0.43 3.94 11.80
CA THR A 173 0.40 3.19 10.81
C THR A 173 1.85 3.64 10.90
N ILE A 174 2.09 4.95 11.07
CA ILE A 174 3.48 5.49 11.15
C ILE A 174 4.10 5.00 12.46
N GLU A 175 3.37 5.10 13.56
CA GLU A 175 3.89 4.68 14.88
C GLU A 175 4.30 3.20 14.83
N ALA A 176 3.43 2.35 14.32
CA ALA A 176 3.67 0.89 14.29
C ALA A 176 4.86 0.59 13.37
N SER A 177 4.87 1.18 12.18
CA SER A 177 5.95 0.88 11.20
C SER A 177 7.29 1.35 11.75
N ASN A 178 7.31 2.55 12.31
CA ASN A 178 8.55 3.16 12.83
C ASN A 178 9.08 2.29 13.98
N LEU A 179 8.19 1.77 14.82
CA LEU A 179 8.61 0.88 15.92
C LEU A 179 9.21 -0.40 15.32
N ALA A 180 8.53 -1.02 14.36
CA ALA A 180 9.05 -2.26 13.72
C ALA A 180 10.45 -1.98 13.13
N LEU A 181 10.61 -0.86 12.43
CA LEU A 181 11.86 -0.56 11.69
C LEU A 181 12.98 -0.20 12.67
N PHE A 182 12.76 0.75 13.59
CA PHE A 182 13.86 1.41 14.33
C PHE A 182 13.80 1.12 15.83
N GLY A 183 12.73 0.51 16.33
CA GLY A 183 12.59 0.16 17.75
C GLY A 183 12.28 1.38 18.60
N GLU A 184 11.80 2.46 17.99
CA GLU A 184 11.46 3.73 18.65
C GLU A 184 9.95 3.97 18.60
N ARG A 185 9.39 4.46 19.70
CA ARG A 185 8.01 5.02 19.73
C ARG A 185 8.08 6.54 19.48
N LEU A 186 7.42 7.01 18.44
CA LEU A 186 7.32 8.47 18.15
C LEU A 186 6.42 9.15 19.18
N GLY A 187 5.49 8.41 19.77
CA GLY A 187 4.54 8.98 20.74
C GLY A 187 3.31 9.59 20.10
N LEU A 188 2.99 9.21 18.85
CA LEU A 188 1.85 9.83 18.12
C LEU A 188 0.49 9.44 18.73
N VAL A 189 0.42 8.54 19.73
CA VAL A 189 -0.82 8.26 20.53
C VAL A 189 -1.04 9.25 21.68
N GLY A 190 0.01 9.89 22.19
CA GLY A 190 -0.15 10.93 23.23
C GLY A 190 -0.87 12.11 22.66
N HIS A 191 -1.40 12.98 23.51
CA HIS A 191 -2.12 14.22 23.10
C HIS A 191 -1.10 15.34 22.83
N SER A 192 0.13 15.18 23.32
CA SER A 192 1.24 16.14 23.15
C SER A 192 2.52 15.42 22.74
N PRO A 193 2.57 14.83 21.53
CA PRO A 193 3.81 14.23 21.03
C PRO A 193 4.90 15.31 20.92
N SER A 194 6.18 14.89 21.00
CA SER A 194 7.35 15.80 20.95
C SER A 194 7.38 16.58 19.62
N SER A 195 8.00 17.76 19.63
CA SER A 195 8.22 18.57 18.42
C SER A 195 9.02 17.76 17.40
N ALA A 196 10.02 17.00 17.85
CA ALA A 196 10.86 16.15 16.96
C ALA A 196 9.98 15.13 16.24
N SER A 197 9.07 14.48 16.96
CA SER A 197 8.16 13.47 16.36
C SER A 197 7.19 14.13 15.38
N LEU A 198 6.63 15.29 15.75
CA LEU A 198 5.67 15.99 14.85
C LEU A 198 6.40 16.51 13.62
N ASN A 199 7.65 16.95 13.76
CA ASN A 199 8.44 17.47 12.62
C ASN A 199 8.68 16.32 11.64
N PHE A 200 9.02 15.14 12.15
CA PHE A 200 9.24 13.93 11.32
C PHE A 200 7.95 13.56 10.60
N LEU A 201 6.84 13.50 11.33
CA LEU A 201 5.53 13.18 10.71
C LEU A 201 5.22 14.21 9.60
N HIS A 202 5.39 15.50 9.88
CA HIS A 202 5.12 16.60 8.91
CA HIS A 202 5.06 16.54 8.88
C HIS A 202 5.99 16.40 7.67
N ALA A 203 7.26 16.04 7.87
CA ALA A 203 8.20 15.84 6.75
C ALA A 203 7.71 14.68 5.89
N LEU A 204 7.23 13.60 6.50
CA LEU A 204 6.70 12.46 5.73
C LEU A 204 5.54 12.94 4.85
N GLU A 205 4.63 13.72 5.43
CA GLU A 205 3.45 14.23 4.70
C GLU A 205 3.89 15.15 3.56
N VAL A 206 4.80 16.09 3.83
CA VAL A 206 5.26 17.03 2.78
C VAL A 206 6.00 16.27 1.70
N MET A 207 6.83 15.31 2.08
CA MET A 207 7.56 14.48 1.10
C MET A 207 6.56 13.86 0.11
N PHE A 208 5.48 13.25 0.60
CA PHE A 208 4.54 12.54 -0.30
C PHE A 208 3.77 13.58 -1.14
N LYS A 209 3.28 14.65 -0.49
CA LYS A 209 2.48 15.67 -1.21
C LYS A 209 3.31 16.24 -2.37
N SER A 210 4.57 16.59 -2.08
CA SER A 210 5.49 17.20 -3.07
C SER A 210 5.89 16.17 -4.14
N THR A 211 5.93 14.88 -3.81
CA THR A 211 6.18 13.83 -4.83
C THR A 211 5.10 13.94 -5.91
N VAL A 212 3.85 13.96 -5.49
CA VAL A 212 2.70 13.94 -6.44
C VAL A 212 2.68 15.26 -7.23
N GLN A 213 2.92 16.39 -6.56
CA GLN A 213 2.97 17.70 -7.27
C GLN A 213 4.07 17.67 -8.33
N LEU A 214 5.24 17.11 -8.02
CA LEU A 214 6.35 17.11 -9.00
C LEU A 214 6.04 16.15 -10.14
N MET A 215 5.46 15.00 -9.85
CA MET A 215 5.21 14.01 -10.92
C MET A 215 4.24 14.59 -11.97
N PHE A 216 3.32 15.46 -11.56
CA PHE A 216 2.28 16.02 -12.45
C PHE A 216 2.61 17.47 -12.86
N MET A 217 3.81 17.96 -12.55
CA MET A 217 4.24 19.33 -12.94
C MET A 217 4.33 19.40 -14.46
N PRO A 218 3.59 20.30 -15.14
CA PRO A 218 3.71 20.44 -16.59
C PRO A 218 5.09 20.92 -17.04
N ARG A 219 5.52 20.42 -18.18
CA ARG A 219 6.87 20.70 -18.73
C ARG A 219 7.11 22.21 -18.85
N SER A 220 6.12 22.93 -19.38
CA SER A 220 6.19 24.37 -19.68
C SER A 220 6.27 25.24 -18.42
N ASN A 221 6.09 24.68 -17.22
CA ASN A 221 6.01 25.45 -15.93
C ASN A 221 7.12 25.03 -14.98
N SER A 222 7.89 23.99 -15.32
CA SER A 222 8.89 23.36 -14.43
C SER A 222 9.96 24.38 -14.00
N ARG A 223 10.51 25.14 -14.95
CA ARG A 223 11.68 26.03 -14.71
C ARG A 223 11.41 26.89 -13.48
N ASN A 224 10.20 27.46 -13.36
CA ASN A 224 9.94 28.48 -12.32
C ASN A 224 8.86 28.07 -11.32
N THR A 225 7.92 27.17 -11.68
CA THR A 225 6.88 26.68 -10.72
C THR A 225 7.52 25.60 -9.83
N SER A 226 8.45 24.81 -10.36
CA SER A 226 8.95 23.60 -9.65
C SER A 226 10.03 23.93 -8.61
N PRO A 227 10.92 24.96 -8.72
CA PRO A 227 12.03 25.08 -7.77
C PRO A 227 11.60 25.14 -6.29
N LYS A 228 10.55 25.90 -5.94
CA LYS A 228 10.01 25.93 -4.56
C LYS A 228 9.51 24.52 -4.16
N VAL A 229 8.92 23.79 -5.10
CA VAL A 229 8.39 22.42 -4.80
C VAL A 229 9.58 21.47 -4.61
N TRP A 230 10.58 21.55 -5.49
CA TRP A 230 11.81 20.75 -5.34
C TRP A 230 12.46 21.05 -4.00
N LYS A 231 12.56 22.33 -3.63
CA LYS A 231 13.16 22.72 -2.34
C LYS A 231 12.37 22.06 -1.21
N GLU A 232 11.04 22.14 -1.26
CA GLU A 232 10.17 21.57 -0.21
C GLU A 232 10.42 20.05 -0.14
N HIS A 233 10.49 19.39 -1.30
CA HIS A 233 10.69 17.92 -1.39
C HIS A 233 12.03 17.55 -0.76
N PHE A 234 13.09 18.25 -1.12
CA PHE A 234 14.44 17.91 -0.63
C PHE A 234 14.57 18.23 0.87
N GLU A 235 13.96 19.32 1.33
CA GLU A 235 14.01 19.67 2.79
C GLU A 235 13.25 18.61 3.59
N ALA A 236 12.14 18.11 3.06
CA ALA A 236 11.37 17.05 3.74
C ALA A 236 12.23 15.78 3.82
N TRP A 237 12.82 15.35 2.71
CA TRP A 237 13.72 14.19 2.72
C TRP A 237 14.91 14.43 3.67
N ASP A 238 15.45 15.64 3.73
CA ASP A 238 16.57 15.91 4.65
C ASP A 238 16.12 15.60 6.08
N CYS A 239 14.91 16.01 6.47
CA CYS A 239 14.39 15.78 7.83
C CYS A 239 14.22 14.27 8.04
N ILE A 240 13.68 13.56 7.06
CA ILE A 240 13.49 12.10 7.16
C ILE A 240 14.85 11.41 7.34
N PHE A 241 15.84 11.78 6.52
CA PHE A 241 17.19 11.18 6.59
C PHE A 241 17.87 11.54 7.91
N GLN A 242 17.61 12.74 8.46
CA GLN A 242 18.19 13.15 9.78
C GLN A 242 17.62 12.22 10.85
N TYR A 243 16.32 11.96 10.83
CA TYR A 243 15.68 11.04 11.79
C TYR A 243 16.29 9.64 11.64
N GLY A 244 16.42 9.15 10.41
CA GLY A 244 17.03 7.83 10.14
C GLY A 244 18.45 7.75 10.69
N ASP A 245 19.28 8.75 10.39
CA ASP A 245 20.66 8.80 10.90
C ASP A 245 20.61 8.75 12.44
N ASN A 246 19.75 9.56 13.06
CA ASN A 246 19.66 9.64 14.54
C ASN A 246 19.36 8.24 15.08
N CYS A 247 18.40 7.55 14.49
CA CYS A 247 18.00 6.20 14.98
C CYS A 247 19.15 5.21 14.78
N ILE A 248 19.80 5.23 13.61
CA ILE A 248 20.90 4.28 13.31
C ILE A 248 22.05 4.54 14.27
N GLN A 249 22.37 5.80 14.57
CA GLN A 249 23.48 6.09 15.52
C GLN A 249 23.12 5.50 16.89
N LYS A 250 21.88 5.64 17.31
CA LYS A 250 21.43 5.09 18.61
C LYS A 250 21.56 3.57 18.59
N ILE A 251 21.13 2.93 17.52
CA ILE A 251 21.22 1.45 17.40
C ILE A 251 22.70 1.05 17.42
N TYR A 252 23.58 1.74 16.69
CA TYR A 252 25.03 1.42 16.70
C TYR A 252 25.53 1.36 18.15
N GLN A 253 25.14 2.37 18.94
CA GLN A 253 25.61 2.54 20.33
C GLN A 253 25.12 1.35 21.17
N GLU A 254 23.85 0.98 21.02
CA GLU A 254 23.25 -0.19 21.72
C GLU A 254 23.96 -1.49 21.29
N LEU A 255 24.21 -1.69 20.00
CA LEU A 255 24.78 -2.98 19.53
C LEU A 255 26.25 -3.10 19.95
N ALA A 256 26.96 -1.99 20.07
CA ALA A 256 28.39 -2.02 20.44
C ALA A 256 28.53 -2.30 21.95
N PHE A 257 27.81 -1.56 22.78
CA PHE A 257 28.14 -1.49 24.23
C PHE A 257 27.09 -2.17 25.12
N SER A 258 25.91 -2.45 24.59
CA SER A 258 24.74 -2.91 25.39
C SER A 258 23.95 -3.94 24.59
N ARG A 259 24.59 -4.79 23.81
CA ARG A 259 23.91 -5.61 22.78
CA ARG A 259 23.88 -5.59 22.77
C ARG A 259 22.96 -6.60 23.45
N PRO A 260 21.66 -6.60 23.09
CA PRO A 260 20.75 -7.62 23.60
C PRO A 260 20.82 -8.93 22.83
N GLN A 261 20.34 -9.98 23.49
CA GLN A 261 20.17 -11.31 22.89
C GLN A 261 18.93 -11.33 21.98
N GLN A 262 17.89 -10.61 22.35
CA GLN A 262 16.58 -10.71 21.65
C GLN A 262 16.53 -9.71 20.49
N TYR A 263 15.69 -10.04 19.51
CA TYR A 263 15.27 -9.09 18.45
C TYR A 263 14.74 -7.81 19.09
N THR A 264 15.14 -6.66 18.55
CA THR A 264 14.57 -5.33 18.91
C THR A 264 14.01 -4.58 17.71
N SER A 265 14.61 -4.70 16.53
CA SER A 265 14.15 -3.92 15.35
C SER A 265 14.68 -4.51 14.05
N ILE A 266 13.95 -4.27 12.97
CA ILE A 266 14.39 -4.69 11.63
C ILE A 266 15.76 -4.08 11.34
N VAL A 267 15.94 -2.79 11.56
CA VAL A 267 17.22 -2.12 11.18
C VAL A 267 18.36 -2.69 12.03
N ALA A 268 18.15 -2.99 13.32
CA ALA A 268 19.21 -3.61 14.13
C ALA A 268 19.60 -4.94 13.50
N GLU A 269 18.63 -5.76 13.06
CA GLU A 269 18.96 -7.06 12.45
C GLU A 269 19.79 -6.84 11.19
N LEU A 270 19.41 -5.88 10.35
CA LEU A 270 20.20 -5.61 9.11
C LEU A 270 21.63 -5.19 9.49
N LEU A 271 21.79 -4.29 10.48
CA LEU A 271 23.14 -3.83 10.85
C LEU A 271 23.95 -5.00 11.40
N LEU A 272 23.34 -5.87 12.21
CA LEU A 272 24.03 -7.07 12.77
C LEU A 272 24.43 -8.03 11.64
N ASN A 273 23.56 -8.24 10.65
CA ASN A 273 23.87 -9.13 9.50
C ASN A 273 25.10 -8.58 8.75
N ALA A 274 25.17 -7.27 8.59
CA ALA A 274 26.29 -6.55 7.95
C ALA A 274 26.54 -7.08 6.53
N GLU A 275 25.46 -7.44 5.84
CA GLU A 275 25.51 -7.90 4.42
C GLU A 275 25.40 -6.72 3.47
N LEU A 276 24.60 -5.74 3.82
CA LEU A 276 24.50 -4.42 3.15
C LEU A 276 25.35 -3.42 3.91
N SER A 277 25.87 -2.43 3.20
CA SER A 277 26.66 -1.33 3.79
C SER A 277 25.73 -0.51 4.68
N PRO A 278 26.28 0.23 5.66
CA PRO A 278 25.44 1.12 6.45
C PRO A 278 24.64 2.10 5.58
N ASP A 279 25.24 2.64 4.51
CA ASP A 279 24.57 3.62 3.62
C ASP A 279 23.41 2.92 2.89
N ALA A 280 23.62 1.67 2.47
CA ALA A 280 22.55 0.88 1.81
C ALA A 280 21.43 0.59 2.83
N ILE A 281 21.79 0.22 4.05
CA ILE A 281 20.78 -0.05 5.09
C ILE A 281 19.99 1.23 5.34
N LYS A 282 20.65 2.37 5.46
CA LYS A 282 19.92 3.64 5.67
C LYS A 282 18.95 3.87 4.51
N ALA A 283 19.43 3.76 3.28
CA ALA A 283 18.58 4.05 2.10
C ALA A 283 17.32 3.17 2.14
N ASN A 284 17.50 1.87 2.33
CA ASN A 284 16.36 0.92 2.37
C ASN A 284 15.44 1.25 3.56
N SER A 285 16.01 1.60 4.71
CA SER A 285 15.21 1.95 5.91
CA SER A 285 15.20 1.95 5.90
C SER A 285 14.36 3.20 5.62
N MET A 286 14.91 4.15 4.87
CA MET A 286 14.17 5.40 4.56
C MET A 286 13.06 5.11 3.53
N GLU A 287 13.32 4.20 2.60
CA GLU A 287 12.27 3.82 1.62
C GLU A 287 11.18 3.02 2.33
N LEU A 288 11.54 2.13 3.24
CA LEU A 288 10.53 1.40 4.03
C LEU A 288 9.73 2.40 4.88
N THR A 289 10.40 3.39 5.46
CA THR A 289 9.74 4.45 6.24
C THR A 289 8.71 5.14 5.35
N ALA A 290 9.11 5.53 4.15
CA ALA A 290 8.24 6.26 3.21
C ALA A 290 7.07 5.37 2.77
N GLY A 291 7.25 4.05 2.78
CA GLY A 291 6.25 3.10 2.28
C GLY A 291 4.93 3.13 3.03
N SER A 292 4.89 3.63 4.26
CA SER A 292 3.64 3.75 5.04
C SER A 292 2.91 5.05 4.73
N VAL A 293 3.52 5.96 3.99
CA VAL A 293 2.85 7.27 3.76
C VAL A 293 1.75 7.09 2.71
N ASP A 294 0.50 7.33 3.09
CA ASP A 294 -0.65 7.32 2.17
C ASP A 294 -0.82 5.94 1.54
N THR A 295 -0.58 4.86 2.28
CA THR A 295 -0.81 3.48 1.81
C THR A 295 -1.79 2.76 2.76
N THR A 296 -1.28 2.11 3.80
CA THR A 296 -2.04 1.23 4.72
C THR A 296 -3.28 1.96 5.28
N VAL A 297 -3.16 3.24 5.57
CA VAL A 297 -4.28 4.02 6.14
C VAL A 297 -5.56 3.77 5.33
N PHE A 298 -5.48 3.74 4.00
CA PHE A 298 -6.70 3.75 3.17
C PHE A 298 -7.49 2.44 3.31
N PRO A 299 -6.91 1.24 3.13
CA PRO A 299 -7.70 0.02 3.33
C PRO A 299 -8.14 -0.16 4.80
N LEU A 300 -7.41 0.40 5.75
CA LEU A 300 -7.83 0.33 7.17
C LEU A 300 -9.11 1.18 7.32
N LEU A 301 -9.11 2.40 6.80
CA LEU A 301 -10.32 3.27 6.79
C LEU A 301 -11.46 2.56 6.05
N MET A 302 -11.20 2.01 4.88
CA MET A 302 -12.28 1.47 4.02
C MET A 302 -12.85 0.19 4.65
N THR A 303 -12.06 -0.55 5.44
CA THR A 303 -12.55 -1.73 6.17
C THR A 303 -13.52 -1.23 7.25
N LEU A 304 -13.14 -0.20 7.99
CA LEU A 304 -14.02 0.37 9.04
C LEU A 304 -15.32 0.84 8.37
N PHE A 305 -15.24 1.52 7.25
CA PHE A 305 -16.43 2.02 6.49
C PHE A 305 -17.32 0.82 6.13
N GLU A 306 -16.77 -0.23 5.57
CA GLU A 306 -17.61 -1.35 5.07
C GLU A 306 -18.17 -2.11 6.27
N LEU A 307 -17.45 -2.24 7.37
CA LEU A 307 -18.00 -2.87 8.59
C LEU A 307 -19.16 -2.02 9.11
N ALA A 308 -19.06 -0.69 9.05
CA ALA A 308 -20.18 0.21 9.44
C ALA A 308 -21.42 -0.07 8.59
N ARG A 309 -21.24 -0.35 7.30
CA ARG A 309 -22.34 -0.54 6.31
C ARG A 309 -22.89 -1.97 6.33
N ASN A 310 -22.15 -2.91 6.93
CA ASN A 310 -22.42 -4.38 6.84
C ASN A 310 -22.38 -4.92 8.26
N PRO A 311 -23.38 -4.58 9.10
CA PRO A 311 -23.33 -4.95 10.50
C PRO A 311 -23.28 -6.47 10.77
N ASN A 312 -23.83 -7.31 9.88
CA ASN A 312 -23.76 -8.79 10.03
C ASN A 312 -22.30 -9.22 9.90
N VAL A 313 -21.58 -8.64 8.95
CA VAL A 313 -20.13 -8.96 8.76
C VAL A 313 -19.34 -8.45 9.97
N GLN A 314 -19.64 -7.23 10.43
CA GLN A 314 -18.98 -6.64 11.62
C GLN A 314 -19.18 -7.58 12.81
N GLN A 315 -20.39 -8.07 13.03
CA GLN A 315 -20.65 -8.94 14.21
C GLN A 315 -19.92 -10.29 14.05
N ALA A 316 -19.88 -10.88 12.86
CA ALA A 316 -19.17 -12.15 12.61
C ALA A 316 -17.67 -11.95 12.88
N LEU A 317 -17.11 -10.82 12.46
CA LEU A 317 -15.69 -10.52 12.77
C LEU A 317 -15.51 -10.33 14.27
N ARG A 318 -16.44 -9.64 14.94
CA ARG A 318 -16.37 -9.44 16.41
C ARG A 318 -16.41 -10.82 17.11
N GLN A 319 -17.29 -11.73 16.69
CA GLN A 319 -17.40 -13.08 17.33
C GLN A 319 -16.02 -13.76 17.22
N GLU A 320 -15.39 -13.70 16.04
CA GLU A 320 -14.09 -14.37 15.80
C GLU A 320 -13.02 -13.77 16.72
N SER A 321 -12.96 -12.45 16.80
CA SER A 321 -11.92 -11.73 17.59
C SER A 321 -12.14 -12.02 19.07
N LEU A 322 -13.39 -12.08 19.54
CA LEU A 322 -13.67 -12.37 20.97
C LEU A 322 -13.25 -13.81 21.29
N ALA A 323 -13.54 -14.74 20.40
CA ALA A 323 -13.22 -16.18 20.57
C ALA A 323 -11.69 -16.39 20.57
N ALA A 324 -10.94 -15.58 19.82
CA ALA A 324 -9.46 -15.69 19.68
C ALA A 324 -8.73 -14.78 20.68
N ALA A 325 -9.44 -13.93 21.42
CA ALA A 325 -8.87 -12.80 22.19
C ALA A 325 -7.82 -13.33 23.19
N ALA A 326 -8.15 -14.35 23.98
CA ALA A 326 -7.27 -14.87 25.03
C ALA A 326 -5.98 -15.39 24.39
N SER A 327 -6.09 -16.15 23.30
CA SER A 327 -4.96 -16.80 22.60
C SER A 327 -3.99 -15.73 22.08
N ILE A 328 -4.54 -14.67 21.49
CA ILE A 328 -3.74 -13.57 20.88
C ILE A 328 -3.09 -12.72 21.98
N SER A 329 -3.77 -12.50 23.11
CA SER A 329 -3.21 -11.78 24.29
C SER A 329 -1.96 -12.51 24.80
N GLU A 330 -2.02 -13.83 24.87
CA GLU A 330 -0.90 -14.70 25.34
C GLU A 330 0.26 -14.65 24.34
N HIS A 331 -0.02 -14.84 23.04
CA HIS A 331 0.98 -14.86 21.94
C HIS A 331 0.41 -14.11 20.74
N PRO A 332 0.71 -12.80 20.58
CA PRO A 332 0.21 -12.03 19.45
C PRO A 332 0.46 -12.71 18.09
N GLN A 333 1.52 -13.52 18.00
CA GLN A 333 1.90 -14.28 16.78
C GLN A 333 0.72 -15.13 16.27
N LYS A 334 -0.20 -15.49 17.18
CA LYS A 334 -1.38 -16.34 16.87
C LYS A 334 -2.34 -15.58 15.95
N ALA A 335 -2.23 -14.24 15.84
CA ALA A 335 -3.17 -13.44 15.03
C ALA A 335 -3.11 -13.89 13.57
N THR A 336 -1.98 -14.44 13.13
CA THR A 336 -1.75 -14.85 11.72
C THR A 336 -2.59 -16.07 11.35
N THR A 337 -2.97 -16.94 12.30
CA THR A 337 -3.75 -18.18 12.00
C THR A 337 -5.14 -18.18 12.66
N GLU A 338 -5.40 -17.33 13.66
CA GLU A 338 -6.63 -17.43 14.49
C GLU A 338 -7.71 -16.43 14.04
N LEU A 339 -7.46 -15.61 13.02
CA LEU A 339 -8.43 -14.60 12.55
C LEU A 339 -8.63 -14.77 11.04
N PRO A 340 -9.01 -15.97 10.55
CA PRO A 340 -9.15 -16.19 9.11
C PRO A 340 -10.20 -15.27 8.46
N LEU A 341 -11.32 -15.01 9.13
CA LEU A 341 -12.38 -14.16 8.52
C LEU A 341 -11.90 -12.71 8.45
N LEU A 342 -11.18 -12.22 9.47
CA LEU A 342 -10.64 -10.84 9.42
C LEU A 342 -9.58 -10.73 8.31
N ARG A 343 -8.70 -11.73 8.16
CA ARG A 343 -7.72 -11.73 7.04
C ARG A 343 -8.48 -11.69 5.70
N ALA A 344 -9.58 -12.45 5.58
CA ALA A 344 -10.43 -12.45 4.38
C ALA A 344 -11.04 -11.05 4.17
N ALA A 345 -11.45 -10.39 5.25
CA ALA A 345 -12.04 -9.03 5.14
C ALA A 345 -11.01 -8.06 4.56
N LEU A 346 -9.74 -8.21 4.91
CA LEU A 346 -8.70 -7.30 4.34
C LEU A 346 -8.59 -7.56 2.83
N LYS A 347 -8.64 -8.81 2.41
CA LYS A 347 -8.63 -9.14 0.96
C LYS A 347 -9.85 -8.48 0.31
N GLU A 348 -10.99 -8.56 0.96
CA GLU A 348 -12.24 -8.01 0.39
C GLU A 348 -12.17 -6.49 0.28
N THR A 349 -11.63 -5.81 1.29
CA THR A 349 -11.43 -4.35 1.20
C THR A 349 -10.53 -4.02 0.01
N LEU A 350 -9.39 -4.70 -0.10
CA LEU A 350 -8.43 -4.38 -1.18
C LEU A 350 -8.99 -4.78 -2.54
N ARG A 351 -9.90 -5.77 -2.61
CA ARG A 351 -10.54 -6.13 -3.90
C ARG A 351 -11.32 -4.91 -4.43
N LEU A 352 -12.11 -4.29 -3.55
CA LEU A 352 -12.99 -3.16 -3.92
C LEU A 352 -12.20 -1.85 -3.97
N TYR A 353 -11.17 -1.74 -3.13
CA TYR A 353 -10.49 -0.44 -2.85
C TYR A 353 -8.98 -0.64 -2.88
N PRO A 354 -8.38 -0.89 -4.06
CA PRO A 354 -6.92 -0.95 -4.15
C PRO A 354 -6.36 0.44 -3.83
N VAL A 355 -5.08 0.45 -3.46
CA VAL A 355 -4.33 1.69 -3.19
C VAL A 355 -3.59 2.10 -4.45
N GLY A 356 -2.69 1.26 -4.92
CA GLY A 356 -2.11 1.46 -6.25
C GLY A 356 -3.18 1.09 -7.27
N LEU A 357 -3.38 1.90 -8.30
CA LEU A 357 -4.37 1.61 -9.35
C LEU A 357 -3.95 0.41 -10.19
N PHE A 358 -2.66 0.26 -10.42
CA PHE A 358 -2.19 -0.80 -11.32
C PHE A 358 -0.86 -1.36 -10.87
N LEU A 359 -0.62 -2.56 -11.37
CA LEU A 359 0.71 -3.21 -11.37
C LEU A 359 1.30 -2.96 -12.75
N GLU A 360 2.60 -2.66 -12.83
CA GLU A 360 3.22 -2.29 -14.12
C GLU A 360 4.45 -3.17 -14.36
N ARG A 361 4.58 -3.66 -15.59
CA ARG A 361 5.80 -4.32 -16.05
C ARG A 361 6.06 -3.88 -17.48
N VAL A 362 7.33 -3.78 -17.81
CA VAL A 362 7.77 -3.65 -19.22
C VAL A 362 8.11 -5.07 -19.63
N ALA A 363 7.47 -5.56 -20.69
CA ALA A 363 7.66 -6.94 -21.16
C ALA A 363 9.16 -7.15 -21.41
N SER A 364 9.84 -7.97 -20.58
CA SER A 364 11.29 -8.27 -20.70
C SER A 364 11.55 -9.10 -21.96
N SER A 365 10.53 -9.82 -22.44
CA SER A 365 10.59 -10.63 -23.68
C SER A 365 9.24 -10.51 -24.41
N ASP A 366 9.15 -10.95 -25.67
CA ASP A 366 7.84 -11.20 -26.32
C ASP A 366 7.09 -12.18 -25.41
N LEU A 367 5.80 -11.99 -25.27
CA LEU A 367 4.94 -12.94 -24.53
C LEU A 367 3.55 -12.91 -25.15
N VAL A 368 2.64 -13.67 -24.56
CA VAL A 368 1.24 -13.74 -25.02
C VAL A 368 0.35 -13.39 -23.84
N LEU A 369 -0.58 -12.47 -24.05
CA LEU A 369 -1.67 -12.17 -23.08
C LEU A 369 -3.00 -12.29 -23.81
N GLN A 370 -3.90 -13.07 -23.25
CA GLN A 370 -5.26 -13.24 -23.81
CA GLN A 370 -5.27 -13.30 -23.80
C GLN A 370 -5.18 -13.61 -25.29
N ASN A 371 -4.18 -14.43 -25.64
CA ASN A 371 -3.98 -14.94 -27.01
C ASN A 371 -3.60 -13.84 -28.01
N TYR A 372 -3.03 -12.73 -27.54
CA TYR A 372 -2.40 -11.68 -28.39
C TYR A 372 -0.90 -11.69 -28.17
N HIS A 373 -0.16 -11.58 -29.26
CA HIS A 373 1.31 -11.35 -29.22
C HIS A 373 1.58 -9.99 -28.58
N ILE A 374 2.39 -9.96 -27.53
CA ILE A 374 2.84 -8.72 -26.87
C ILE A 374 4.34 -8.56 -27.14
N PRO A 375 4.75 -7.57 -27.94
CA PRO A 375 6.16 -7.34 -28.23
C PRO A 375 6.98 -6.99 -26.98
N ALA A 376 8.22 -7.49 -26.93
CA ALA A 376 9.19 -7.08 -25.92
C ALA A 376 9.21 -5.55 -25.85
N GLY A 377 9.26 -5.00 -24.64
CA GLY A 377 9.34 -3.54 -24.40
C GLY A 377 7.99 -2.90 -24.23
N THR A 378 6.91 -3.63 -24.50
CA THR A 378 5.53 -3.13 -24.30
C THR A 378 5.29 -2.86 -22.82
N LEU A 379 4.70 -1.71 -22.51
CA LEU A 379 4.24 -1.36 -21.16
C LEU A 379 2.93 -2.11 -20.90
N VAL A 380 2.92 -2.95 -19.88
CA VAL A 380 1.69 -3.70 -19.48
C VAL A 380 1.28 -3.24 -18.09
N ARG A 381 0.01 -2.91 -17.94
CA ARG A 381 -0.54 -2.48 -16.64
C ARG A 381 -1.76 -3.33 -16.30
N VAL A 382 -1.73 -3.92 -15.12
CA VAL A 382 -2.84 -4.70 -14.54
C VAL A 382 -3.67 -3.74 -13.70
N PHE A 383 -4.90 -3.45 -14.12
CA PHE A 383 -5.77 -2.47 -13.42
C PHE A 383 -6.54 -3.19 -12.31
N LEU A 384 -6.12 -2.95 -11.08
CA LEU A 384 -6.63 -3.68 -9.90
C LEU A 384 -8.09 -3.33 -9.63
N TYR A 385 -8.49 -2.10 -9.90
CA TYR A 385 -9.89 -1.68 -9.70
C TYR A 385 -10.78 -2.60 -10.53
N SER A 386 -10.43 -2.81 -11.79
CA SER A 386 -11.25 -3.64 -12.71
C SER A 386 -11.08 -5.13 -12.40
N LEU A 387 -9.87 -5.58 -12.05
CA LEU A 387 -9.67 -7.02 -11.74
C LEU A 387 -10.63 -7.42 -10.62
N GLY A 388 -10.75 -6.59 -9.59
CA GLY A 388 -11.55 -6.93 -8.40
C GLY A 388 -13.04 -6.85 -8.62
N ARG A 389 -13.49 -6.21 -9.70
CA ARG A 389 -14.94 -5.95 -9.91
C ARG A 389 -15.48 -6.80 -11.06
N ASN A 390 -14.71 -7.80 -11.47
CA ASN A 390 -15.07 -8.76 -12.53
C ASN A 390 -16.12 -9.73 -11.98
N PRO A 391 -17.39 -9.68 -12.44
CA PRO A 391 -18.45 -10.51 -11.86
C PRO A 391 -18.28 -12.01 -12.18
N ALA A 392 -17.50 -12.32 -13.22
CA ALA A 392 -17.19 -13.70 -13.64
C ALA A 392 -16.40 -14.39 -12.53
N LEU A 393 -15.52 -13.66 -11.83
CA LEU A 393 -14.64 -14.24 -10.78
C LEU A 393 -15.17 -13.90 -9.38
N PHE A 394 -15.85 -12.76 -9.25
CA PHE A 394 -16.37 -12.25 -7.96
C PHE A 394 -17.86 -11.97 -8.09
N PRO A 395 -18.70 -13.03 -8.09
CA PRO A 395 -20.14 -12.85 -8.21
C PRO A 395 -20.68 -11.83 -7.19
N ARG A 396 -21.63 -11.00 -7.63
CA ARG A 396 -22.15 -9.86 -6.86
C ARG A 396 -20.95 -9.06 -6.39
N PRO A 397 -20.15 -8.54 -7.34
CA PRO A 397 -18.87 -7.92 -7.01
C PRO A 397 -19.00 -6.66 -6.15
N GLU A 398 -20.16 -6.00 -6.18
CA GLU A 398 -20.47 -4.81 -5.35
C GLU A 398 -20.66 -5.21 -3.87
N ARG A 399 -20.90 -6.50 -3.57
CA ARG A 399 -21.17 -6.99 -2.20
C ARG A 399 -19.85 -7.13 -1.41
N TYR A 400 -19.82 -6.61 -0.20
CA TYR A 400 -18.70 -6.80 0.76
C TYR A 400 -18.93 -8.11 1.49
N ASN A 401 -18.24 -9.16 1.07
CA ASN A 401 -18.48 -10.54 1.52
C ASN A 401 -17.15 -11.24 1.77
N PRO A 402 -16.51 -11.02 2.94
CA PRO A 402 -15.26 -11.70 3.26
C PRO A 402 -15.29 -13.23 3.10
N GLN A 403 -16.45 -13.86 3.35
CA GLN A 403 -16.63 -15.33 3.19
C GLN A 403 -16.17 -15.78 1.79
N ARG A 404 -16.26 -14.92 0.77
CA ARG A 404 -15.91 -15.33 -0.62
C ARG A 404 -14.47 -15.84 -0.62
N TRP A 405 -13.58 -15.29 0.21
CA TRP A 405 -12.15 -15.68 0.21
C TRP A 405 -11.96 -17.04 0.88
N LEU A 406 -12.80 -17.39 1.86
CA LEU A 406 -12.73 -18.72 2.50
C LEU A 406 -13.29 -19.76 1.51
N ASP A 407 -14.22 -19.35 0.65
CA ASP A 407 -14.85 -20.24 -0.35
C ASP A 407 -13.98 -20.40 -1.61
N ILE A 408 -13.06 -19.47 -1.88
CA ILE A 408 -12.65 -19.08 -3.26
C ILE A 408 -12.09 -20.28 -4.06
N ARG A 409 -12.59 -20.37 -5.30
CA ARG A 409 -12.37 -21.44 -6.30
C ARG A 409 -11.74 -20.83 -7.56
N GLY A 410 -11.44 -21.66 -8.55
CA GLY A 410 -10.94 -21.23 -9.87
C GLY A 410 -9.46 -21.54 -10.02
N SER A 411 -9.06 -21.93 -11.24
CA SER A 411 -7.69 -22.33 -11.63
C SER A 411 -6.65 -21.39 -11.01
N GLY A 412 -6.70 -20.10 -11.35
CA GLY A 412 -5.63 -19.12 -11.06
C GLY A 412 -5.85 -18.35 -9.76
N ARG A 413 -6.41 -19.04 -8.74
CA ARG A 413 -6.95 -18.41 -7.50
C ARG A 413 -5.80 -17.76 -6.72
N ASN A 414 -4.55 -18.24 -6.88
CA ASN A 414 -3.33 -17.62 -6.30
C ASN A 414 -3.19 -16.17 -6.79
N PHE A 415 -3.71 -15.86 -7.99
CA PHE A 415 -3.59 -14.49 -8.57
C PHE A 415 -4.90 -13.70 -8.48
N TYR A 416 -5.84 -14.12 -7.64
CA TYR A 416 -7.09 -13.34 -7.46
C TYR A 416 -6.85 -12.17 -6.50
N HIS A 417 -5.87 -12.31 -5.59
CA HIS A 417 -5.53 -11.28 -4.60
C HIS A 417 -4.11 -10.80 -4.89
N VAL A 418 -3.98 -9.71 -5.62
CA VAL A 418 -2.66 -9.20 -6.04
C VAL A 418 -2.50 -7.71 -5.79
N PRO A 419 -3.12 -7.10 -4.74
CA PRO A 419 -2.99 -5.65 -4.55
C PRO A 419 -1.59 -5.23 -4.09
N PHE A 420 -0.78 -6.20 -3.63
CA PHE A 420 0.63 -6.00 -3.24
C PHE A 420 1.56 -6.48 -4.36
N GLY A 421 1.03 -6.74 -5.55
CA GLY A 421 1.89 -7.19 -6.66
C GLY A 421 2.21 -8.66 -6.55
N PHE A 422 3.30 -9.06 -7.19
CA PHE A 422 3.59 -10.48 -7.40
C PHE A 422 5.09 -10.68 -7.60
N GLY A 423 5.54 -11.89 -7.38
CA GLY A 423 6.91 -12.29 -7.72
C GLY A 423 7.96 -11.61 -6.89
N MET A 424 9.18 -11.59 -7.40
CA MET A 424 10.31 -11.16 -6.53
CA MET A 424 10.41 -11.12 -6.69
C MET A 424 10.23 -9.66 -6.24
N ARG A 425 9.52 -8.87 -7.05
CA ARG A 425 9.43 -7.41 -6.82
C ARG A 425 8.08 -7.01 -6.23
N GLN A 426 7.39 -7.95 -5.61
CA GLN A 426 6.16 -7.63 -4.86
C GLN A 426 6.47 -6.66 -3.72
N CYS A 427 5.45 -6.06 -3.15
CA CYS A 427 5.58 -5.12 -2.03
C CYS A 427 6.43 -5.73 -0.91
N LEU A 428 7.49 -5.05 -0.54
CA LEU A 428 8.38 -5.52 0.55
C LEU A 428 7.69 -5.33 1.90
N GLY A 429 6.80 -4.35 2.00
CA GLY A 429 6.13 -4.01 3.27
C GLY A 429 4.83 -4.76 3.49
N ARG A 430 4.47 -5.69 2.63
CA ARG A 430 3.09 -6.22 2.64
C ARG A 430 2.74 -6.88 3.96
N ARG A 431 3.64 -7.64 4.56
CA ARG A 431 3.29 -8.37 5.80
C ARG A 431 3.23 -7.40 6.99
N LEU A 432 4.04 -6.34 6.98
CA LEU A 432 3.96 -5.30 8.02
C LEU A 432 2.63 -4.55 7.86
N ALA A 433 2.24 -4.20 6.64
CA ALA A 433 0.95 -3.52 6.39
C ALA A 433 -0.20 -4.43 6.86
N GLU A 434 -0.17 -5.70 6.45
CA GLU A 434 -1.26 -6.65 6.77
C GLU A 434 -1.36 -6.78 8.30
N ALA A 435 -0.23 -6.91 9.01
CA ALA A 435 -0.23 -7.11 10.47
C ALA A 435 -0.83 -5.85 11.12
N GLU A 436 -0.45 -4.68 10.64
CA GLU A 436 -0.98 -3.41 11.23
C GLU A 436 -2.50 -3.38 11.11
N MET A 437 -3.03 -3.74 9.94
CA MET A 437 -4.47 -3.65 9.71
C MET A 437 -5.17 -4.69 10.59
N LEU A 438 -4.66 -5.91 10.59
CA LEU A 438 -5.28 -7.05 11.30
C LEU A 438 -5.37 -6.70 12.79
N LEU A 439 -4.26 -6.24 13.38
CA LEU A 439 -4.22 -6.09 14.86
C LEU A 439 -5.02 -4.86 15.28
N LEU A 440 -5.03 -3.78 14.52
CA LEU A 440 -5.86 -2.61 14.93
C LEU A 440 -7.32 -3.05 14.90
N LEU A 441 -7.75 -3.71 13.83
CA LEU A 441 -9.17 -4.11 13.72
C LEU A 441 -9.52 -5.14 14.81
N HIS A 442 -8.66 -6.10 15.07
CA HIS A 442 -8.85 -7.11 16.13
C HIS A 442 -9.15 -6.41 17.46
N HIS A 443 -8.29 -5.46 17.86
CA HIS A 443 -8.40 -4.80 19.19
C HIS A 443 -9.60 -3.87 19.23
N VAL A 444 -9.91 -3.16 18.14
CA VAL A 444 -11.08 -2.23 18.11
C VAL A 444 -12.37 -3.05 18.22
N LEU A 445 -12.48 -4.15 17.47
CA LEU A 445 -13.74 -4.92 17.35
C LEU A 445 -14.08 -5.59 18.68
N LYS A 446 -13.09 -5.91 19.50
CA LYS A 446 -13.37 -6.58 20.81
C LYS A 446 -14.16 -5.66 21.73
N HIS A 447 -14.02 -4.34 21.58
CA HIS A 447 -14.44 -3.33 22.59
C HIS A 447 -15.55 -2.41 22.05
N LEU A 448 -15.62 -2.19 20.72
CA LEU A 448 -16.39 -1.08 20.09
C LEU A 448 -17.12 -1.56 18.83
N GLN A 449 -18.26 -0.91 18.54
CA GLN A 449 -19.05 -1.04 17.29
C GLN A 449 -18.91 0.26 16.52
N VAL A 450 -18.92 0.19 15.19
CA VAL A 450 -18.77 1.41 14.34
C VAL A 450 -19.98 1.54 13.44
N GLU A 451 -20.47 2.78 13.28
CA GLU A 451 -21.51 3.15 12.29
C GLU A 451 -21.08 4.41 11.54
N THR A 452 -21.82 4.75 10.48
CA THR A 452 -21.64 5.97 9.67
C THR A 452 -23.05 6.50 9.40
N LEU A 453 -23.22 7.80 9.18
CA LEU A 453 -24.55 8.46 9.12
C LEU A 453 -25.33 7.92 7.90
N THR A 454 -24.70 7.90 6.73
CA THR A 454 -25.33 7.44 5.46
C THR A 454 -24.52 6.27 4.90
N GLN A 455 -25.18 5.43 4.11
CA GLN A 455 -24.65 4.16 3.55
C GLN A 455 -24.22 4.42 2.10
N GLU A 456 -24.08 5.70 1.70
CA GLU A 456 -23.70 6.10 0.32
C GLU A 456 -22.27 5.60 0.03
N ASP A 457 -22.02 5.11 -1.18
CA ASP A 457 -20.66 4.75 -1.64
C ASP A 457 -19.74 5.95 -1.48
N ILE A 458 -18.49 5.68 -1.15
CA ILE A 458 -17.41 6.73 -1.11
C ILE A 458 -16.89 6.89 -2.54
N LYS A 459 -16.66 8.12 -2.95
CA LYS A 459 -15.99 8.42 -4.24
CA LYS A 459 -15.99 8.45 -4.24
C LYS A 459 -14.48 8.32 -4.03
N MET A 460 -13.82 7.51 -4.85
CA MET A 460 -12.35 7.44 -4.88
C MET A 460 -11.84 8.39 -5.96
N VAL A 461 -10.72 9.05 -5.68
CA VAL A 461 -10.03 9.94 -6.65
C VAL A 461 -8.63 9.38 -6.88
N TYR A 462 -8.23 9.35 -8.14
CA TYR A 462 -6.88 8.90 -8.54
C TYR A 462 -5.95 10.11 -8.58
N SER A 463 -4.95 10.07 -7.71
CA SER A 463 -3.90 11.08 -7.50
C SER A 463 -2.63 10.37 -6.98
N PHE A 464 -1.94 9.78 -7.96
CA PHE A 464 -0.84 8.77 -7.86
C PHE A 464 -1.37 7.47 -7.25
N ILE A 465 -2.12 7.57 -6.15
CA ILE A 465 -2.86 6.46 -5.52
C ILE A 465 -4.35 6.76 -5.59
N LEU A 466 -5.15 5.75 -5.33
CA LEU A 466 -6.61 5.88 -5.16
C LEU A 466 -6.88 6.20 -3.69
N ARG A 467 -7.59 7.28 -3.45
CA ARG A 467 -7.87 7.75 -2.09
C ARG A 467 -9.31 8.20 -2.01
N PRO A 468 -9.94 8.05 -0.84
CA PRO A 468 -11.31 8.52 -0.69
C PRO A 468 -11.36 10.06 -0.75
N SER A 469 -12.35 10.60 -1.48
CA SER A 469 -12.55 12.06 -1.71
C SER A 469 -12.97 12.78 -0.42
N MET A 470 -13.95 12.22 0.30
CA MET A 470 -14.68 12.88 1.43
C MET A 470 -15.06 11.81 2.46
N PHE A 471 -14.06 11.17 3.07
CA PHE A 471 -14.28 10.02 3.97
C PHE A 471 -15.14 10.48 5.14
N PRO A 472 -16.24 9.76 5.45
CA PRO A 472 -17.22 10.26 6.41
C PRO A 472 -16.75 10.14 7.86
N LEU A 473 -17.32 10.97 8.73
CA LEU A 473 -17.17 10.79 10.19
C LEU A 473 -17.68 9.39 10.54
N LEU A 474 -17.02 8.74 11.48
CA LEU A 474 -17.48 7.43 12.01
C LEU A 474 -17.92 7.61 13.45
N THR A 475 -18.90 6.82 13.84
CA THR A 475 -19.42 6.86 15.23
C THR A 475 -19.07 5.53 15.89
N PHE A 476 -18.44 5.61 17.05
CA PHE A 476 -18.08 4.42 17.88
C PHE A 476 -18.94 4.41 19.13
N ARG A 477 -19.34 3.21 19.55
CA ARG A 477 -20.09 2.91 20.81
C ARG A 477 -19.48 1.66 21.43
N ALA A 478 -19.51 1.54 22.77
CA ALA A 478 -19.14 0.31 23.49
C ALA A 478 -20.09 -0.83 23.09
N ILE A 479 -19.65 -2.09 23.22
CA ILE A 479 -20.46 -3.30 22.84
C ILE A 479 -21.32 -3.72 24.05
#